data_4MZK
#
_entry.id   4MZK
#
_cell.length_a   37.980
_cell.length_b   55.030
_cell.length_c   75.830
_cell.angle_alpha   90.00
_cell.angle_beta   90.00
_cell.angle_gamma   90.00
#
_symmetry.space_group_name_H-M   'P 21 21 21'
#
loop_
_entity.id
_entity.type
_entity.pdbx_description
1 polymer 'Myosin A tail domain interacting protein'
2 polymer 'pGly[807,811], a stapled myoA tail peptide'
3 water water
#
loop_
_entity_poly.entity_id
_entity_poly.type
_entity_poly.pdbx_seq_one_letter_code
_entity_poly.pdbx_strand_id
1 'polypeptide(L)'
;GSVADIQQLEEKVDESDVRIYFNEKSSGGKISIDNASYNARKLGLAPSSIDEKKIKELYGDNLTYEQYLEYLSICVHDKD
NVEELIKMFAHFDNNCTGYLTKSQMKNILTTWGDALTDQEAIDALNAFSSEDNIDYKLFCEDILQ
;
A
2 'polypeptide(L)' (ACE)KNIPSLLR(NLE)QAH(NLE)RKKMV T
#
# COMPACT_ATOMS: atom_id res chain seq x y z
N ALA A 4 -4.99 -11.56 -10.73
CA ALA A 4 -3.86 -12.47 -10.58
C ALA A 4 -4.26 -13.76 -9.86
N ASP A 5 -3.98 -14.90 -10.48
CA ASP A 5 -4.03 -16.16 -9.74
C ASP A 5 -2.62 -16.45 -9.20
N ILE A 6 -2.49 -17.54 -8.44
CA ILE A 6 -1.19 -17.89 -7.84
C ILE A 6 -0.10 -18.14 -8.89
N GLN A 7 -0.48 -18.75 -10.02
CA GLN A 7 0.48 -18.97 -11.11
C GLN A 7 1.10 -17.65 -11.59
N GLN A 8 0.28 -16.64 -11.83
CA GLN A 8 0.77 -15.33 -12.26
C GLN A 8 1.65 -14.70 -11.18
N LEU A 9 1.16 -14.73 -9.94
CA LEU A 9 1.91 -14.23 -8.80
C LEU A 9 3.34 -14.76 -8.77
N GLU A 10 3.50 -16.06 -9.02
CA GLU A 10 4.81 -16.69 -8.87
C GLU A 10 5.73 -16.46 -10.07
N GLU A 11 5.23 -15.73 -11.06
CA GLU A 11 6.09 -15.23 -12.14
C GLU A 11 6.56 -13.82 -11.83
N LYS A 12 5.80 -13.12 -11.00
CA LYS A 12 6.11 -11.73 -10.63
C LYS A 12 7.02 -11.64 -9.40
N VAL A 13 6.75 -12.48 -8.40
CA VAL A 13 7.59 -12.55 -7.21
C VAL A 13 8.31 -13.89 -7.20
N ASP A 14 9.37 -14.00 -6.38
CA ASP A 14 10.12 -15.24 -6.24
C ASP A 14 9.42 -16.08 -5.17
N GLU A 15 9.01 -17.29 -5.55
CA GLU A 15 8.35 -18.17 -4.59
C GLU A 15 9.25 -18.50 -3.40
N SER A 16 10.57 -18.53 -3.60
CA SER A 16 11.50 -18.78 -2.49
CA SER A 16 11.47 -18.80 -2.48
C SER A 16 11.38 -17.70 -1.41
N ASP A 17 11.25 -16.45 -1.83
CA ASP A 17 11.06 -15.34 -0.88
C ASP A 17 9.70 -15.44 -0.19
N VAL A 18 8.68 -15.76 -0.97
CA VAL A 18 7.33 -15.92 -0.44
C VAL A 18 7.31 -16.91 0.73
N ARG A 19 8.01 -18.02 0.56
CA ARG A 19 8.08 -19.08 1.56
C ARG A 19 8.93 -18.70 2.76
N ILE A 20 10.10 -18.15 2.50
CA ILE A 20 10.99 -17.71 3.57
C ILE A 20 10.31 -16.66 4.46
N TYR A 21 9.64 -15.70 3.84
CA TYR A 21 8.97 -14.65 4.61
C TYR A 21 7.81 -15.25 5.42
N PHE A 22 7.11 -16.23 4.86
CA PHE A 22 6.09 -16.96 5.62
C PHE A 22 6.71 -17.63 6.86
N ASN A 23 7.80 -18.37 6.66
CA ASN A 23 8.49 -19.04 7.77
C ASN A 23 8.96 -18.10 8.86
N GLU A 24 9.28 -16.87 8.46
CA GLU A 24 9.74 -15.85 9.39
C GLU A 24 8.65 -15.43 10.38
N LYS A 25 7.40 -15.47 9.91
CA LYS A 25 6.28 -14.88 10.65
C LYS A 25 5.23 -15.90 11.11
N SER A 26 5.30 -17.11 10.61
CA SER A 26 4.25 -18.10 10.90
C SER A 26 4.27 -18.55 12.34
N SER A 27 3.12 -19.05 12.79
CA SER A 27 3.00 -19.65 14.13
C SER A 27 1.97 -20.74 14.06
N GLY A 28 2.35 -21.93 14.50
CA GLY A 28 1.50 -23.10 14.39
C GLY A 28 1.06 -23.39 12.95
N GLY A 29 1.93 -23.08 11.99
CA GLY A 29 1.64 -23.35 10.58
C GLY A 29 0.78 -22.32 9.87
N LYS A 30 0.51 -21.20 10.54
CA LYS A 30 -0.38 -20.17 10.00
C LYS A 30 0.21 -18.78 10.17
N ILE A 31 -0.30 -17.83 9.38
CA ILE A 31 0.20 -16.47 9.45
C ILE A 31 -0.95 -15.50 9.64
N SER A 32 -0.76 -14.51 10.51
CA SER A 32 -1.80 -13.50 10.74
C SER A 32 -1.91 -12.66 9.50
N ILE A 33 -3.05 -12.00 9.30
CA ILE A 33 -3.24 -11.12 8.15
C ILE A 33 -2.26 -9.94 8.23
N ASP A 34 -2.06 -9.39 9.42
CA ASP A 34 -1.09 -8.30 9.58
C ASP A 34 0.30 -8.70 9.12
N ASN A 35 0.75 -9.89 9.51
CA ASN A 35 2.04 -10.37 9.03
C ASN A 35 2.06 -10.74 7.54
N ALA A 36 0.92 -11.19 7.02
CA ALA A 36 0.82 -11.45 5.58
C ALA A 36 0.96 -10.15 4.78
N SER A 37 0.33 -9.09 5.26
CA SER A 37 0.45 -7.78 4.59
C SER A 37 1.88 -7.24 4.66
N TYR A 38 2.52 -7.45 5.81
CA TYR A 38 3.92 -7.08 5.96
C TYR A 38 4.77 -7.82 4.92
N ASN A 39 4.57 -9.13 4.81
CA ASN A 39 5.24 -9.92 3.79
C ASN A 39 4.96 -9.45 2.37
N ALA A 40 3.69 -9.14 2.09
CA ALA A 40 3.31 -8.65 0.76
C ALA A 40 4.10 -7.38 0.40
N ARG A 41 4.22 -6.49 1.38
CA ARG A 41 4.95 -5.23 1.17
C ARG A 41 6.43 -5.50 0.92
N LYS A 42 7.01 -6.43 1.67
CA LYS A 42 8.42 -6.80 1.47
C LYS A 42 8.64 -7.35 0.07
N LEU A 43 7.60 -8.00 -0.47
CA LEU A 43 7.65 -8.57 -1.82
C LEU A 43 7.36 -7.51 -2.90
N GLY A 44 7.14 -6.27 -2.48
CA GLY A 44 6.88 -5.18 -3.40
C GLY A 44 5.41 -4.99 -3.79
N LEU A 45 4.50 -5.62 -3.06
CA LEU A 45 3.08 -5.49 -3.34
C LEU A 45 2.46 -4.46 -2.40
N ALA A 46 1.27 -3.99 -2.74
CA ALA A 46 0.66 -2.91 -1.95
C ALA A 46 -0.81 -3.19 -1.62
N PRO A 47 -1.06 -4.01 -0.59
CA PRO A 47 -2.43 -4.27 -0.13
C PRO A 47 -3.07 -3.08 0.56
N SER A 48 -4.38 -2.95 0.40
CA SER A 48 -5.15 -1.97 1.15
C SER A 48 -6.08 -2.74 2.08
N SER A 49 -6.91 -2.02 2.83
CA SER A 49 -7.86 -2.69 3.74
C SER A 49 -8.88 -3.50 2.96
N ILE A 50 -9.11 -3.16 1.70
CA ILE A 50 -10.07 -3.89 0.86
C ILE A 50 -9.59 -5.32 0.68
N ASP A 51 -8.29 -5.47 0.47
CA ASP A 51 -7.71 -6.78 0.23
C ASP A 51 -7.69 -7.58 1.51
N GLU A 52 -7.34 -6.90 2.60
CA GLU A 52 -7.28 -7.56 3.91
C GLU A 52 -8.67 -8.04 4.34
N LYS A 53 -9.69 -7.21 4.15
CA LYS A 53 -11.04 -7.60 4.57
C LYS A 53 -11.60 -8.74 3.72
N LYS A 54 -11.23 -8.75 2.44
CA LYS A 54 -11.63 -9.82 1.53
C LYS A 54 -11.09 -11.19 1.98
N ILE A 55 -9.80 -11.28 2.29
CA ILE A 55 -9.23 -12.56 2.69
C ILE A 55 -9.75 -12.95 4.08
N LYS A 56 -10.02 -11.95 4.92
CA LYS A 56 -10.56 -12.22 6.24
C LYS A 56 -11.96 -12.82 6.15
N GLU A 57 -12.78 -12.29 5.26
CA GLU A 57 -14.13 -12.82 5.12
C GLU A 57 -14.09 -14.28 4.73
N LEU A 58 -13.12 -14.65 3.89
CA LEU A 58 -13.02 -16.03 3.43
C LEU A 58 -12.46 -16.96 4.50
N TYR A 59 -11.37 -16.53 5.15
CA TYR A 59 -10.55 -17.47 5.90
C TYR A 59 -10.31 -17.11 7.36
N GLY A 60 -10.80 -15.96 7.79
CA GLY A 60 -10.49 -15.48 9.13
C GLY A 60 -9.13 -14.81 9.19
N ASP A 61 -8.62 -14.55 10.39
CA ASP A 61 -7.45 -13.67 10.56
C ASP A 61 -6.12 -14.41 10.63
N ASN A 62 -6.19 -15.74 10.52
CA ASN A 62 -5.03 -16.62 10.62
C ASN A 62 -5.00 -17.55 9.40
N LEU A 63 -4.04 -17.36 8.49
CA LEU A 63 -4.05 -18.03 7.17
C LEU A 63 -3.06 -19.19 7.07
N THR A 64 -3.49 -20.27 6.44
CA THR A 64 -2.59 -21.36 6.06
C THR A 64 -1.69 -20.85 4.94
N TYR A 65 -0.64 -21.61 4.63
CA TYR A 65 0.26 -21.20 3.57
C TYR A 65 -0.47 -20.96 2.25
N GLU A 66 -1.36 -21.89 1.88
CA GLU A 66 -2.07 -21.75 0.61
C GLU A 66 -3.00 -20.54 0.66
N GLN A 67 -3.61 -20.27 1.81
CA GLN A 67 -4.49 -19.12 1.92
C GLN A 67 -3.70 -17.81 1.83
N TYR A 68 -2.50 -17.83 2.37
CA TYR A 68 -1.54 -16.74 2.26
C TYR A 68 -1.15 -16.49 0.80
N LEU A 69 -0.88 -17.56 0.04
CA LEU A 69 -0.67 -17.42 -1.40
C LEU A 69 -1.85 -16.76 -2.12
N GLU A 70 -3.06 -17.21 -1.82
CA GLU A 70 -4.25 -16.60 -2.41
C GLU A 70 -4.36 -15.11 -2.06
N TYR A 71 -4.03 -14.78 -0.80
CA TYR A 71 -4.00 -13.38 -0.37
C TYR A 71 -3.03 -12.55 -1.19
N LEU A 72 -1.79 -13.05 -1.33
CA LEU A 72 -0.78 -12.36 -2.12
C LEU A 72 -1.25 -12.16 -3.56
N SER A 73 -1.97 -13.13 -4.12
CA SER A 73 -2.45 -12.97 -5.49
C SER A 73 -3.44 -11.81 -5.59
N ILE A 74 -4.21 -11.60 -4.52
CA ILE A 74 -5.18 -10.50 -4.42
C ILE A 74 -4.46 -9.15 -4.31
N CYS A 75 -3.25 -9.16 -3.79
CA CYS A 75 -2.47 -7.94 -3.57
C CYS A 75 -1.76 -7.39 -4.81
N VAL A 76 -1.86 -8.09 -5.94
CA VAL A 76 -1.04 -7.72 -7.10
C VAL A 76 -1.30 -6.31 -7.70
N HIS A 77 -2.56 -5.98 -7.92
CA HIS A 77 -2.95 -4.64 -8.43
C HIS A 77 -2.25 -4.15 -9.71
N ASP A 78 -2.37 -4.91 -10.79
CA ASP A 78 -1.77 -4.57 -12.07
C ASP A 78 -2.25 -3.23 -12.66
N LYS A 79 -3.43 -2.76 -12.25
CA LYS A 79 -3.96 -1.52 -12.81
C LYS A 79 -3.46 -0.23 -12.15
N ASP A 80 -2.67 -0.36 -11.07
CA ASP A 80 -2.08 0.82 -10.43
C ASP A 80 -1.34 1.70 -11.44
N ASN A 81 -1.46 3.02 -11.26
CA ASN A 81 -0.75 3.96 -12.12
C ASN A 81 -0.60 5.32 -11.44
N VAL A 82 0.37 6.12 -11.89
CA VAL A 82 0.62 7.44 -11.30
C VAL A 82 -0.56 8.40 -11.52
N GLU A 83 -1.20 8.31 -12.69
CA GLU A 83 -2.24 9.27 -13.07
C GLU A 83 -3.39 9.37 -12.07
N GLU A 84 -3.91 8.22 -11.64
CA GLU A 84 -5.01 8.20 -10.67
C GLU A 84 -4.62 8.83 -9.34
N LEU A 85 -3.37 8.64 -8.94
CA LEU A 85 -2.86 9.24 -7.70
C LEU A 85 -2.75 10.76 -7.79
N ILE A 86 -2.18 11.25 -8.89
CA ILE A 86 -2.07 12.68 -9.11
C ILE A 86 -3.46 13.32 -9.14
N LYS A 87 -4.40 12.66 -9.79
CA LYS A 87 -5.76 13.20 -9.91
C LYS A 87 -6.47 13.27 -8.56
N MET A 88 -6.17 12.31 -7.70
CA MET A 88 -6.71 12.31 -6.34
C MET A 88 -6.18 13.55 -5.58
N PHE A 89 -4.89 13.82 -5.68
CA PHE A 89 -4.34 15.02 -5.00
C PHE A 89 -4.78 16.31 -5.69
N ALA A 90 -4.88 16.30 -7.01
CA ALA A 90 -5.26 17.50 -7.75
C ALA A 90 -6.66 17.97 -7.33
N HIS A 91 -7.47 17.06 -6.80
CA HIS A 91 -8.77 17.41 -6.26
C HIS A 91 -8.65 18.52 -5.21
N PHE A 92 -7.56 18.50 -4.45
CA PHE A 92 -7.37 19.46 -3.37
C PHE A 92 -6.59 20.70 -3.81
N ASP A 93 -6.18 20.72 -5.07
CA ASP A 93 -5.34 21.81 -5.58
C ASP A 93 -6.19 22.82 -6.34
N ASN A 94 -6.96 23.59 -5.59
CA ASN A 94 -7.92 24.54 -6.18
C ASN A 94 -7.31 25.69 -6.97
N ASN A 95 -6.21 26.26 -6.48
CA ASN A 95 -5.57 27.34 -7.21
C ASN A 95 -4.75 26.83 -8.39
N CYS A 96 -4.78 25.51 -8.59
CA CYS A 96 -4.10 24.86 -9.71
C CYS A 96 -2.61 25.20 -9.76
N THR A 97 -1.96 25.13 -8.61
CA THR A 97 -0.56 25.49 -8.52
C THR A 97 0.36 24.31 -8.81
N GLY A 98 -0.14 23.10 -8.64
CA GLY A 98 0.69 21.90 -8.76
C GLY A 98 1.35 21.56 -7.44
N TYR A 99 1.09 22.38 -6.42
CA TYR A 99 1.67 22.16 -5.11
C TYR A 99 0.60 21.94 -4.04
N LEU A 100 0.96 21.16 -3.02
CA LEU A 100 0.22 21.12 -1.76
C LEU A 100 1.25 21.19 -0.63
N THR A 101 0.92 21.88 0.46
CA THR A 101 1.82 21.93 1.60
C THR A 101 1.84 20.59 2.33
N LYS A 102 2.86 20.39 3.14
CA LYS A 102 2.97 19.16 3.94
C LYS A 102 1.78 19.02 4.87
N SER A 103 1.34 20.14 5.43
CA SER A 103 0.18 20.14 6.32
C SER A 103 -1.07 19.69 5.56
N GLN A 104 -1.26 20.19 4.35
CA GLN A 104 -2.40 19.80 3.53
C GLN A 104 -2.36 18.32 3.19
N MET A 105 -1.20 17.84 2.75
CA MET A 105 -1.07 16.42 2.41
CA MET A 105 -1.07 16.42 2.41
C MET A 105 -1.22 15.53 3.64
N LYS A 106 -0.71 15.98 4.78
CA LYS A 106 -0.87 15.25 6.02
C LYS A 106 -2.36 15.11 6.33
N ASN A 107 -3.11 16.20 6.16
CA ASN A 107 -4.56 16.17 6.44
C ASN A 107 -5.30 15.14 5.59
N ILE A 108 -5.01 15.14 4.30
CA ILE A 108 -5.62 14.21 3.35
C ILE A 108 -5.29 12.78 3.77
N LEU A 109 -4.00 12.53 4.01
CA LEU A 109 -3.54 11.17 4.30
C LEU A 109 -4.03 10.59 5.63
N THR A 110 -4.36 11.47 6.59
CA THR A 110 -4.76 11.03 7.92
C THR A 110 -6.25 11.15 8.20
N THR A 111 -7.01 11.62 7.20
CA THR A 111 -8.45 11.82 7.42
C THR A 111 -9.36 10.74 6.80
N TRP A 112 -9.22 10.51 5.50
CA TRP A 112 -10.11 9.59 4.81
C TRP A 112 -9.40 8.29 4.45
N GLY A 113 -10.19 7.29 4.04
CA GLY A 113 -9.64 6.03 3.56
C GLY A 113 -8.90 5.27 4.65
N ASP A 114 -7.82 4.58 4.27
CA ASP A 114 -7.05 3.76 5.19
C ASP A 114 -6.05 4.67 5.86
N ALA A 115 -6.57 5.56 6.72
CA ALA A 115 -5.82 6.67 7.26
C ALA A 115 -4.47 6.30 7.87
N LEU A 116 -3.43 7.04 7.51
CA LEU A 116 -2.14 6.87 8.16
C LEU A 116 -2.19 7.58 9.50
N THR A 117 -1.34 7.18 10.44
CA THR A 117 -1.17 7.93 11.68
C THR A 117 -0.49 9.23 11.32
N ASP A 118 -0.51 10.22 12.22
CA ASP A 118 0.15 11.48 11.90
C ASP A 118 1.64 11.26 11.66
N GLN A 119 2.27 10.41 12.46
CA GLN A 119 3.71 10.16 12.32
C GLN A 119 4.06 9.46 11.00
N GLU A 120 3.28 8.45 10.63
CA GLU A 120 3.43 7.81 9.33
C GLU A 120 3.35 8.82 8.18
N ALA A 121 2.37 9.72 8.24
CA ALA A 121 2.18 10.72 7.19
C ALA A 121 3.35 11.70 7.15
N ILE A 122 3.74 12.18 8.31
CA ILE A 122 4.88 13.07 8.42
C ILE A 122 6.15 12.41 7.88
N ASP A 123 6.37 11.15 8.25
CA ASP A 123 7.55 10.43 7.80
C ASP A 123 7.56 10.15 6.29
N ALA A 124 6.39 9.86 5.72
CA ALA A 124 6.29 9.63 4.30
C ALA A 124 6.58 10.91 3.52
N LEU A 125 6.07 12.04 4.03
CA LEU A 125 6.27 13.33 3.38
C LEU A 125 7.70 13.87 3.56
N ASN A 126 8.22 13.85 4.78
CA ASN A 126 9.56 14.36 5.05
C ASN A 126 10.63 13.57 4.30
N ALA A 127 10.33 12.31 4.01
CA ALA A 127 11.25 11.44 3.27
C ALA A 127 11.40 11.88 1.82
N PHE A 128 10.31 12.34 1.23
CA PHE A 128 10.34 12.86 -0.14
C PHE A 128 11.02 14.23 -0.20
N SER A 129 10.72 15.10 0.76
CA SER A 129 11.18 16.48 0.69
C SER A 129 11.45 17.14 2.04
N SER A 130 12.54 17.89 2.10
CA SER A 130 12.86 18.69 3.27
C SER A 130 11.96 19.93 3.33
N GLU A 131 11.44 20.33 2.18
CA GLU A 131 10.69 21.58 2.07
C GLU A 131 9.18 21.45 2.35
N ASP A 132 8.55 22.59 2.66
CA ASP A 132 7.15 22.61 3.07
C ASP A 132 6.16 22.47 1.91
N ASN A 133 6.51 22.99 0.75
CA ASN A 133 5.67 22.87 -0.44
C ASN A 133 6.06 21.62 -1.23
N ILE A 134 5.08 20.77 -1.52
CA ILE A 134 5.31 19.52 -2.24
C ILE A 134 4.71 19.56 -3.64
N ASP A 135 5.54 19.30 -4.66
CA ASP A 135 5.04 19.06 -6.00
C ASP A 135 4.42 17.66 -5.98
N TYR A 136 3.09 17.58 -5.93
CA TYR A 136 2.45 16.30 -5.69
C TYR A 136 2.56 15.34 -6.88
N LYS A 137 2.74 15.88 -8.08
CA LYS A 137 3.02 15.04 -9.25
C LYS A 137 4.34 14.30 -9.06
N LEU A 138 5.38 15.03 -8.68
CA LEU A 138 6.69 14.42 -8.44
C LEU A 138 6.59 13.45 -7.26
N PHE A 139 5.79 13.80 -6.26
CA PHE A 139 5.64 12.93 -5.09
C PHE A 139 5.02 11.58 -5.45
N CYS A 140 4.00 11.62 -6.29
CA CYS A 140 3.32 10.37 -6.69
C CYS A 140 4.21 9.50 -7.56
N GLU A 141 4.99 10.13 -8.44
CA GLU A 141 5.93 9.38 -9.25
C GLU A 141 6.94 8.66 -8.36
N ASP A 142 7.35 9.32 -7.28
CA ASP A 142 8.35 8.77 -6.39
C ASP A 142 7.77 7.66 -5.52
N ILE A 143 6.51 7.81 -5.12
CA ILE A 143 5.87 6.81 -4.27
C ILE A 143 5.63 5.49 -5.02
N LEU A 144 5.42 5.56 -6.33
CA LEU A 144 5.24 4.36 -7.12
C LEU A 144 6.56 3.75 -7.57
N GLN A 145 7.64 4.52 -7.45
CA GLN A 145 8.98 3.98 -7.68
C GLN A 145 9.28 2.91 -6.64
N LYS B 2 -14.12 11.92 -1.26
CA LYS B 2 -14.20 11.66 -2.69
C LYS B 2 -12.94 10.97 -3.20
N ASN B 3 -13.06 10.31 -4.35
CA ASN B 3 -11.93 9.60 -4.95
C ASN B 3 -11.31 8.57 -4.01
N ILE B 4 -12.13 7.95 -3.18
CA ILE B 4 -11.62 7.04 -2.15
C ILE B 4 -10.79 5.86 -2.68
N PRO B 5 -11.25 5.18 -3.76
CA PRO B 5 -10.40 4.08 -4.26
C PRO B 5 -8.97 4.49 -4.57
N SER B 6 -8.78 5.64 -5.23
CA SER B 6 -7.43 6.09 -5.56
C SER B 6 -6.65 6.47 -4.32
N LEU B 7 -7.34 7.05 -3.35
CA LEU B 7 -6.67 7.35 -2.07
C LEU B 7 -6.19 6.07 -1.39
N LEU B 8 -6.99 5.00 -1.43
CA LEU B 8 -6.57 3.75 -0.81
C LEU B 8 -5.30 3.23 -1.49
N ARG B 9 -5.22 3.37 -2.82
CA ARG B 9 -4.05 2.90 -3.54
C ARG B 9 -2.82 3.72 -3.13
N GLN B 11 -2.36 5.30 -0.21
CA GLN B 11 -2.00 4.93 1.15
C GLN B 11 -1.34 3.56 1.17
N ALA B 12 -1.79 2.67 0.30
CA ALA B 12 -1.19 1.34 0.19
C ALA B 12 0.27 1.44 -0.27
N HIS B 13 0.56 2.29 -1.25
CA HIS B 13 1.94 2.42 -1.68
C HIS B 13 2.84 3.10 -0.65
N ARG B 15 2.49 2.68 2.60
CA ARG B 15 2.78 1.62 3.57
C ARG B 15 3.81 0.64 3.01
N LYS B 16 3.69 0.36 1.71
CA LYS B 16 4.69 -0.46 1.01
C LYS B 16 6.07 0.17 1.13
N LYS B 17 6.17 1.44 0.79
CA LYS B 17 7.48 2.11 0.76
C LYS B 17 8.12 2.20 2.14
N MET B 18 7.30 2.31 3.18
CA MET B 18 7.80 2.45 4.55
C MET B 18 8.24 1.10 5.13
N VAL B 19 7.93 0.03 4.53
CA VAL B 19 8.15 -1.30 5.11
C VAL B 19 9.62 -1.73 5.11
#